data_3RC4
#
_entry.id   3RC4
#
_cell.length_a   53.900
_cell.length_b   58.146
_cell.length_c   61.300
_cell.angle_alpha   90.00
_cell.angle_beta   90.00
_cell.angle_gamma   90.00
#
_symmetry.space_group_name_H-M   'P 21 21 21'
#
loop_
_entity.id
_entity.type
_entity.pdbx_description
1 polymer 'NS3/4A Protease'
2 polymer 'Product TRIF'
3 non-polymer 'SULFATE ION'
4 non-polymer 'ZINC ION'
5 water water
#
loop_
_entity_poly.entity_id
_entity_poly.type
_entity_poly.pdbx_seq_one_letter_code
_entity_poly.pdbx_strand_id
1 'polypeptide(L)'
;GSHMASMKKKGSVVIVGRINLSGDTAYAQQTRGEEGCQETSQTGRDKNQVEGEVQIVSTATQTFLATSINGVLWTVYHGA
GTRTIASPKGPVTQMYTNVDKDLVGWQAPQGSRSLTPCTCGSSDLYLVTRHADVIPVRRRGDSRGSLLSPRPISYLKGSA
GGPLLCPAGHAVGIFRAAVSTRGVAKAVDFIPVESLETTMRSP
;
A
2 'polypeptide(L)' PPPPPPPPSSTPC B
#
loop_
_chem_comp.id
_chem_comp.type
_chem_comp.name
_chem_comp.formula
SO4 non-polymer 'SULFATE ION' 'O4 S -2'
ZN non-polymer 'ZINC ION' 'Zn 2'
#
# COMPACT_ATOMS: atom_id res chain seq x y z
N HIS A 3 35.46 8.31 -2.71
CA HIS A 3 34.01 8.31 -2.37
C HIS A 3 33.23 7.28 -3.20
N MET A 4 33.54 7.20 -4.49
CA MET A 4 32.77 6.37 -5.43
C MET A 4 32.79 4.89 -5.08
N ALA A 5 33.99 4.38 -4.82
CA ALA A 5 34.18 2.96 -4.49
C ALA A 5 33.29 2.47 -3.35
N SER A 6 33.03 3.34 -2.38
CA SER A 6 32.24 2.98 -1.20
C SER A 6 30.77 3.41 -1.24
N MET A 7 30.33 4.00 -2.35
CA MET A 7 28.94 4.45 -2.49
C MET A 7 27.95 3.29 -2.34
N LYS A 8 26.99 3.44 -1.42
CA LYS A 8 25.99 2.41 -1.18
C LYS A 8 24.83 2.53 -2.16
N LYS A 9 24.06 1.45 -2.26
CA LYS A 9 22.81 1.43 -3.00
C LYS A 9 21.67 1.27 -2.01
N LYS A 10 20.54 1.88 -2.33
CA LYS A 10 19.34 1.63 -1.57
C LYS A 10 18.90 0.20 -1.89
N GLY A 11 18.30 -0.44 -0.91
CA GLY A 11 17.78 -1.76 -1.09
C GLY A 11 16.49 -1.75 -1.88
N SER A 12 16.03 -2.96 -2.20
CA SER A 12 14.74 -3.16 -2.79
C SER A 12 13.69 -3.12 -1.66
N VAL A 13 12.49 -2.67 -2.00
CA VAL A 13 11.30 -2.95 -1.20
C VAL A 13 11.11 -4.47 -1.15
N VAL A 14 10.71 -4.97 0.02
CA VAL A 14 10.56 -6.39 0.22
C VAL A 14 9.17 -6.69 0.78
N ILE A 15 8.49 -7.64 0.14
CA ILE A 15 7.23 -8.14 0.68
C ILE A 15 7.54 -8.97 1.93
N VAL A 16 6.96 -8.58 3.07
CA VAL A 16 7.20 -9.26 4.35
C VAL A 16 5.95 -9.89 4.93
N GLY A 17 4.81 -9.70 4.28
CA GLY A 17 3.58 -10.32 4.72
C GLY A 17 2.43 -9.92 3.86
N ARG A 18 1.22 -10.18 4.32
CA ARG A 18 0.02 -9.79 3.60
C ARG A 18 -1.12 -9.55 4.57
N ILE A 19 -2.13 -8.85 4.08
CA ILE A 19 -3.38 -8.74 4.80
C ILE A 19 -4.33 -9.71 4.12
N ASN A 20 -4.65 -10.77 4.85
CA ASN A 20 -5.47 -11.83 4.31
C ASN A 20 -6.94 -11.42 4.36
N LEU A 21 -7.55 -11.30 3.18
CA LEU A 21 -8.95 -10.91 3.04
C LEU A 21 -9.74 -12.02 2.35
N SER A 22 -9.15 -13.21 2.30
CA SER A 22 -9.67 -14.31 1.50
C SER A 22 -10.87 -14.99 2.15
N GLY A 23 -11.07 -14.77 3.45
CA GLY A 23 -12.11 -15.48 4.17
C GLY A 23 -13.08 -14.58 4.91
N ASP A 24 -13.61 -15.13 6.00
CA ASP A 24 -14.56 -14.46 6.90
C ASP A 24 -13.93 -13.39 7.78
N THR A 25 -12.62 -13.50 8.00
CA THR A 25 -11.91 -12.70 8.98
C THR A 25 -10.68 -12.10 8.32
N ALA A 26 -10.47 -10.80 8.47
CA ALA A 26 -9.26 -10.15 7.95
C ALA A 26 -8.17 -10.33 8.99
N TYR A 27 -6.96 -10.69 8.55
CA TYR A 27 -5.83 -10.80 9.46
C TYR A 27 -4.52 -10.65 8.75
N ALA A 28 -3.55 -10.08 9.49
CA ALA A 28 -2.20 -9.93 8.98
C ALA A 28 -1.42 -11.21 9.17
N GLN A 29 -0.67 -11.58 8.14
CA GLN A 29 0.24 -12.69 8.18
C GLN A 29 1.63 -12.17 7.87
N GLN A 30 2.64 -12.59 8.64
CA GLN A 30 4.02 -12.29 8.29
C GLN A 30 4.60 -13.47 7.54
N THR A 31 5.31 -13.19 6.45
CA THR A 31 5.95 -14.24 5.64
C THR A 31 7.48 -14.20 5.64
N ARG A 32 8.04 -13.11 6.16
CA ARG A 32 9.48 -12.96 6.29
C ARG A 32 9.81 -12.15 7.54
N GLY A 33 10.77 -12.63 8.33
CA GLY A 33 11.29 -11.90 9.51
C GLY A 33 12.39 -10.93 9.12
N GLU A 34 12.89 -10.19 10.12
CA GLU A 34 13.78 -9.04 9.89
C GLU A 34 15.09 -9.39 9.18
N GLU A 35 15.73 -10.50 9.58
CA GLU A 35 17.01 -10.88 8.95
C GLU A 35 16.84 -11.23 7.48
N GLY A 36 15.82 -12.02 7.16
CA GLY A 36 15.49 -12.38 5.79
C GLY A 36 15.10 -11.17 4.97
N CYS A 37 14.36 -10.26 5.60
CA CYS A 37 14.02 -9.01 4.93
C CYS A 37 15.28 -8.22 4.56
N GLN A 38 16.22 -8.11 5.50
CA GLN A 38 17.42 -7.32 5.28
C GLN A 38 18.24 -7.94 4.15
N GLU A 39 18.42 -9.26 4.19
CA GLU A 39 19.12 -9.97 3.10
C GLU A 39 18.46 -9.78 1.72
N THR A 40 17.14 -9.98 1.69
CA THR A 40 16.35 -9.88 0.45
C THR A 40 16.36 -8.46 -0.11
N SER A 41 16.39 -7.46 0.77
CA SER A 41 16.47 -6.07 0.32
C SER A 41 17.77 -5.82 -0.43
N GLN A 42 18.84 -6.43 0.06
CA GLN A 42 20.16 -6.30 -0.54
C GLN A 42 20.27 -7.00 -1.90
N THR A 43 19.83 -8.25 -1.98
CA THR A 43 19.92 -8.98 -3.24
C THR A 43 18.84 -8.60 -4.25
N GLY A 44 17.67 -8.22 -3.75
CA GLY A 44 16.51 -8.03 -4.62
C GLY A 44 15.91 -9.35 -5.09
N ARG A 45 16.40 -10.46 -4.54
CA ARG A 45 15.94 -11.77 -4.92
C ARG A 45 15.05 -12.35 -3.82
N ASP A 46 13.77 -12.48 -4.14
CA ASP A 46 12.75 -12.98 -3.21
C ASP A 46 12.07 -14.17 -3.86
N LYS A 47 12.38 -15.38 -3.41
CA LYS A 47 11.74 -16.58 -3.94
C LYS A 47 10.43 -16.98 -3.24
N ASN A 48 9.99 -16.22 -2.23
CA ASN A 48 8.74 -16.55 -1.56
C ASN A 48 7.56 -16.49 -2.53
N GLN A 49 6.59 -17.36 -2.32
CA GLN A 49 5.35 -17.32 -3.09
C GLN A 49 4.48 -16.17 -2.60
N VAL A 50 3.98 -15.37 -3.52
CA VAL A 50 3.12 -14.26 -3.17
C VAL A 50 1.68 -14.72 -3.30
N GLU A 51 0.82 -14.25 -2.40
CA GLU A 51 -0.60 -14.52 -2.48
C GLU A 51 -1.33 -13.25 -2.06
N GLY A 52 -2.52 -13.07 -2.59
CA GLY A 52 -3.42 -12.04 -2.06
C GLY A 52 -3.31 -10.70 -2.76
N GLU A 53 -4.20 -9.80 -2.36
CA GLU A 53 -4.34 -8.48 -2.97
C GLU A 53 -3.52 -7.40 -2.27
N VAL A 54 -3.37 -7.53 -0.96
CA VAL A 54 -2.71 -6.52 -0.14
C VAL A 54 -1.47 -7.13 0.51
N GLN A 55 -0.32 -6.59 0.14
CA GLN A 55 0.97 -6.98 0.68
C GLN A 55 1.42 -6.03 1.76
N ILE A 56 2.14 -6.58 2.74
CA ILE A 56 2.88 -5.77 3.71
C ILE A 56 4.30 -5.70 3.20
N VAL A 57 4.80 -4.46 3.06
CA VAL A 57 6.11 -4.25 2.46
C VAL A 57 7.02 -3.44 3.36
N SER A 58 8.33 -3.67 3.23
CA SER A 58 9.29 -2.96 4.04
C SER A 58 10.49 -2.45 3.25
N THR A 59 10.98 -1.29 3.66
CA THR A 59 12.31 -0.83 3.34
C THR A 59 13.16 -0.99 4.61
N ALA A 60 14.39 -0.49 4.58
CA ALA A 60 15.23 -0.55 5.76
C ALA A 60 14.64 0.26 6.93
N THR A 61 13.82 1.26 6.60
CA THR A 61 13.34 2.23 7.62
C THR A 61 11.82 2.26 7.87
N GLN A 62 11.02 1.68 6.99
CA GLN A 62 9.57 1.80 7.09
C GLN A 62 8.91 0.49 6.68
N THR A 63 7.77 0.21 7.27
CA THR A 63 6.89 -0.84 6.86
C THR A 63 5.52 -0.25 6.56
N PHE A 64 5.00 -0.61 5.40
CA PHE A 64 3.74 -0.05 4.91
C PHE A 64 3.05 -1.10 4.04
N LEU A 65 2.08 -0.69 3.24
CA LEU A 65 1.29 -1.64 2.48
C LEU A 65 1.44 -1.40 0.98
N ALA A 66 1.07 -2.41 0.21
CA ALA A 66 1.00 -2.25 -1.25
C ALA A 66 -0.15 -3.08 -1.73
N THR A 67 -0.88 -2.60 -2.73
CA THR A 67 -2.16 -3.20 -3.15
C THR A 67 -2.16 -3.43 -4.64
N SER A 68 -2.54 -4.64 -5.05
CA SER A 68 -2.63 -4.96 -6.47
CA SER A 68 -2.63 -4.95 -6.48
C SER A 68 -3.97 -4.56 -7.06
N ILE A 69 -3.93 -3.75 -8.11
CA ILE A 69 -5.12 -3.36 -8.85
C ILE A 69 -4.78 -3.37 -10.34
N ASN A 70 -5.58 -4.10 -11.12
CA ASN A 70 -5.37 -4.24 -12.57
C ASN A 70 -3.95 -4.67 -12.95
N GLY A 71 -3.39 -5.60 -12.18
CA GLY A 71 -2.10 -6.22 -12.52
C GLY A 71 -0.88 -5.36 -12.23
N VAL A 72 -1.09 -4.33 -11.41
CA VAL A 72 -0.02 -3.47 -10.90
C VAL A 72 -0.09 -3.49 -9.38
N LEU A 73 1.08 -3.65 -8.74
CA LEU A 73 1.21 -3.53 -7.29
C LEU A 73 1.55 -2.08 -6.97
N TRP A 74 0.58 -1.38 -6.37
CA TRP A 74 0.67 0.04 -6.08
C TRP A 74 1.06 0.34 -4.65
N THR A 75 1.87 1.39 -4.47
CA THR A 75 2.09 1.94 -3.14
C THR A 75 2.41 3.44 -3.21
N VAL A 76 2.79 4.00 -2.07
CA VAL A 76 3.08 5.42 -1.94
C VAL A 76 4.52 5.72 -2.23
N TYR A 77 4.76 6.80 -2.97
CA TYR A 77 6.11 7.29 -3.19
C TYR A 77 6.82 7.65 -1.88
N HIS A 78 6.09 8.17 -0.89
CA HIS A 78 6.73 8.60 0.33
C HIS A 78 7.27 7.43 1.16
N GLY A 79 6.80 6.22 0.86
CA GLY A 79 7.33 5.00 1.46
C GLY A 79 8.39 4.33 0.61
N ALA A 80 8.09 4.15 -0.68
CA ALA A 80 8.96 3.36 -1.56
C ALA A 80 10.03 4.18 -2.25
N GLY A 81 9.84 5.48 -2.38
CA GLY A 81 10.69 6.27 -3.28
C GLY A 81 10.72 5.66 -4.65
N THR A 82 11.89 5.64 -5.27
CA THR A 82 12.07 5.08 -6.60
C THR A 82 12.60 3.64 -6.58
N ARG A 83 12.44 2.97 -5.44
CA ARG A 83 13.06 1.68 -5.23
C ARG A 83 12.49 0.59 -6.12
N THR A 84 13.36 -0.35 -6.45
CA THR A 84 12.95 -1.61 -7.02
C THR A 84 12.23 -2.43 -5.96
N ILE A 85 11.53 -3.46 -6.41
CA ILE A 85 10.94 -4.43 -5.51
C ILE A 85 11.61 -5.77 -5.75
N ALA A 86 11.81 -6.52 -4.67
CA ALA A 86 12.42 -7.83 -4.79
C ALA A 86 11.45 -8.82 -5.40
N SER A 87 11.97 -9.73 -6.23
CA SER A 87 11.16 -10.72 -6.93
C SER A 87 11.99 -11.98 -7.15
N PRO A 88 11.35 -13.08 -7.57
CA PRO A 88 12.08 -14.31 -7.79
C PRO A 88 13.24 -14.19 -8.76
N LYS A 89 13.13 -13.27 -9.72
CA LYS A 89 14.16 -13.11 -10.75
C LYS A 89 15.15 -11.99 -10.45
N GLY A 90 14.99 -11.32 -9.31
CA GLY A 90 15.85 -10.21 -8.96
C GLY A 90 15.03 -8.93 -8.88
N PRO A 91 15.70 -7.80 -8.69
CA PRO A 91 14.99 -6.54 -8.50
C PRO A 91 14.18 -6.13 -9.73
N VAL A 92 12.96 -5.69 -9.49
CA VAL A 92 12.04 -5.25 -10.54
C VAL A 92 11.86 -3.72 -10.45
N THR A 93 12.13 -3.04 -11.56
CA THR A 93 12.06 -1.58 -11.62
C THR A 93 10.62 -1.12 -11.61
N GLN A 94 10.37 0.04 -11.02
CA GLN A 94 9.02 0.60 -11.08
C GLN A 94 8.54 0.77 -12.53
N MET A 95 7.28 0.44 -12.74
CA MET A 95 6.57 0.64 -13.98
C MET A 95 5.89 2.01 -14.00
N TYR A 96 5.54 2.51 -12.82
CA TYR A 96 5.02 3.86 -12.63
C TYR A 96 5.71 4.54 -11.46
N THR A 97 5.98 5.83 -11.62
CA THR A 97 6.52 6.65 -10.55
C THR A 97 5.90 8.00 -10.70
N ASN A 98 5.19 8.46 -9.68
CA ASN A 98 4.59 9.79 -9.73
C ASN A 98 4.61 10.47 -8.36
N VAL A 99 5.64 11.26 -8.13
CA VAL A 99 5.82 11.95 -6.87
C VAL A 99 4.67 12.92 -6.58
N ASP A 100 4.10 13.52 -7.64
CA ASP A 100 3.02 14.49 -7.49
C ASP A 100 1.75 13.83 -6.97
N LYS A 101 1.54 12.58 -7.35
CA LYS A 101 0.39 11.79 -6.84
C LYS A 101 0.70 11.00 -5.57
N ASP A 102 1.98 10.98 -5.19
CA ASP A 102 2.47 10.11 -4.12
C ASP A 102 2.22 8.64 -4.43
N LEU A 103 2.53 8.26 -5.67
CA LEU A 103 2.16 6.96 -6.22
C LEU A 103 3.30 6.32 -6.96
N VAL A 104 3.48 5.03 -6.72
CA VAL A 104 4.38 4.20 -7.50
C VAL A 104 3.70 2.87 -7.76
N GLY A 105 4.16 2.18 -8.79
CA GLY A 105 3.65 0.84 -9.11
C GLY A 105 4.73 -0.02 -9.75
N TRP A 106 4.66 -1.32 -9.47
CA TRP A 106 5.44 -2.34 -10.16
C TRP A 106 4.48 -3.35 -10.76
N GLN A 107 4.96 -4.08 -11.75
CA GLN A 107 4.16 -5.20 -12.26
C GLN A 107 3.76 -6.09 -11.07
N ALA A 108 2.50 -6.51 -11.03
CA ALA A 108 2.01 -7.31 -9.91
C ALA A 108 2.75 -8.64 -9.89
N PRO A 109 3.23 -9.05 -8.69
CA PRO A 109 3.97 -10.32 -8.64
C PRO A 109 3.12 -11.52 -9.06
N GLN A 110 3.73 -12.47 -9.75
CA GLN A 110 3.04 -13.73 -10.03
C GLN A 110 2.58 -14.33 -8.70
N GLY A 111 1.32 -14.72 -8.64
CA GLY A 111 0.73 -15.30 -7.43
C GLY A 111 -0.22 -14.33 -6.76
N SER A 112 0.03 -13.04 -6.93
CA SER A 112 -0.86 -12.04 -6.41
C SER A 112 -2.21 -12.11 -7.12
N ARG A 113 -3.22 -11.55 -6.47
CA ARG A 113 -4.56 -11.36 -7.04
C ARG A 113 -4.80 -9.86 -7.05
N SER A 114 -5.43 -9.35 -8.10
CA SER A 114 -5.73 -7.93 -8.18
C SER A 114 -7.17 -7.63 -7.86
N LEU A 115 -7.38 -6.51 -7.21
CA LEU A 115 -8.69 -5.91 -7.09
C LEU A 115 -9.07 -5.22 -8.42
N THR A 116 -10.39 -5.09 -8.63
CA THR A 116 -10.91 -4.44 -9.85
C THR A 116 -11.30 -3.02 -9.52
N PRO A 117 -11.00 -2.04 -10.42
CA PRO A 117 -11.42 -0.69 -10.12
C PRO A 117 -12.92 -0.54 -10.01
N CYS A 118 -13.35 0.22 -9.01
CA CYS A 118 -14.76 0.42 -8.74
C CYS A 118 -15.43 1.25 -9.83
N THR A 119 -16.60 0.81 -10.28
CA THR A 119 -17.44 1.57 -11.22
C THR A 119 -18.81 1.93 -10.61
N CYS A 120 -18.95 1.70 -9.31
CA CYS A 120 -20.22 1.87 -8.60
C CYS A 120 -20.60 3.33 -8.41
N GLY A 121 -19.60 4.20 -8.27
CA GLY A 121 -19.85 5.64 -8.07
C GLY A 121 -20.53 5.94 -6.75
N SER A 122 -20.23 5.11 -5.75
CA SER A 122 -20.85 5.21 -4.43
C SER A 122 -19.84 5.65 -3.35
N SER A 123 -20.36 6.07 -2.19
CA SER A 123 -19.59 6.82 -1.19
C SER A 123 -19.44 6.13 0.20
N ASP A 124 -19.93 4.90 0.33
CA ASP A 124 -19.75 4.12 1.58
C ASP A 124 -18.58 3.15 1.41
N LEU A 125 -17.45 3.44 2.07
CA LEU A 125 -16.17 2.75 1.82
C LEU A 125 -15.60 2.06 3.06
N TYR A 126 -14.52 1.30 2.85
CA TYR A 126 -13.87 0.53 3.91
C TYR A 126 -12.37 0.56 3.71
N LEU A 127 -11.65 0.99 4.74
CA LEU A 127 -10.19 1.08 4.70
C LEU A 127 -9.62 -0.12 5.43
N VAL A 128 -8.68 -0.81 4.78
CA VAL A 128 -7.96 -1.93 5.34
C VAL A 128 -6.59 -1.44 5.85
N THR A 129 -6.33 -1.64 7.13
CA THR A 129 -5.09 -1.18 7.76
C THR A 129 -4.03 -2.27 7.79
N ARG A 130 -2.79 -1.88 8.11
CA ARG A 130 -1.69 -2.81 8.20
C ARG A 130 -1.87 -3.83 9.31
N HIS A 131 -2.75 -3.53 10.27
CA HIS A 131 -3.09 -4.50 11.31
C HIS A 131 -4.38 -5.26 11.00
N ALA A 132 -4.85 -5.13 9.75
CA ALA A 132 -5.98 -5.92 9.24
C ALA A 132 -7.33 -5.51 9.83
N ASP A 133 -7.40 -4.28 10.33
CA ASP A 133 -8.68 -3.72 10.72
C ASP A 133 -9.39 -3.24 9.47
N VAL A 134 -10.71 -3.39 9.42
CA VAL A 134 -11.51 -2.94 8.29
C VAL A 134 -12.42 -1.84 8.81
N ILE A 135 -12.04 -0.59 8.52
CA ILE A 135 -12.66 0.62 9.11
C ILE A 135 -13.60 1.29 8.10
N PRO A 136 -14.86 1.50 8.49
CA PRO A 136 -15.75 2.24 7.61
C PRO A 136 -15.32 3.69 7.41
N VAL A 137 -15.42 4.15 6.17
CA VAL A 137 -15.04 5.51 5.79
C VAL A 137 -16.11 6.04 4.86
N ARG A 138 -16.69 7.21 5.18
CA ARG A 138 -17.60 7.90 4.27
C ARG A 138 -16.78 8.78 3.34
N ARG A 139 -16.95 8.57 2.04
CA ARG A 139 -16.25 9.36 1.06
C ARG A 139 -16.74 10.80 1.13
N ARG A 140 -15.80 11.74 1.18
CA ARG A 140 -16.11 13.16 1.30
C ARG A 140 -15.65 14.00 0.13
N GLY A 141 -14.90 13.40 -0.78
CA GLY A 141 -14.50 14.07 -2.00
C GLY A 141 -13.74 13.08 -2.86
N ASP A 142 -13.13 13.57 -3.93
CA ASP A 142 -12.38 12.69 -4.82
C ASP A 142 -11.24 11.96 -4.10
N SER A 143 -10.63 12.62 -3.13
CA SER A 143 -9.42 12.10 -2.49
C SER A 143 -9.48 12.10 -0.97
N ARG A 144 -10.67 12.26 -0.38
CA ARG A 144 -10.79 12.32 1.08
C ARG A 144 -11.98 11.52 1.56
N GLY A 145 -11.85 10.98 2.77
CA GLY A 145 -12.95 10.29 3.42
C GLY A 145 -12.87 10.51 4.92
N SER A 146 -14.00 10.44 5.60
CA SER A 146 -14.01 10.64 7.04
C SER A 146 -14.15 9.30 7.75
N LEU A 147 -13.45 9.14 8.87
CA LEU A 147 -13.60 7.96 9.71
C LEU A 147 -14.90 8.08 10.50
N LEU A 148 -15.71 7.04 10.45
CA LEU A 148 -16.97 7.02 11.19
C LEU A 148 -16.66 7.04 12.69
N SER A 149 -15.54 6.43 13.06
CA SER A 149 -15.02 6.49 14.42
C SER A 149 -13.56 6.95 14.38
N PRO A 150 -13.26 8.15 14.92
CA PRO A 150 -11.88 8.64 14.96
C PRO A 150 -10.90 7.74 15.72
N ARG A 151 -9.63 7.74 15.30
CA ARG A 151 -8.56 6.96 15.96
C ARG A 151 -7.30 7.81 16.14
N PRO A 152 -6.45 7.46 17.13
CA PRO A 152 -5.15 8.14 17.17
C PRO A 152 -4.36 7.87 15.90
N ILE A 153 -3.53 8.81 15.47
CA ILE A 153 -2.76 8.62 14.22
C ILE A 153 -1.87 7.39 14.26
N SER A 154 -1.41 7.01 15.45
CA SER A 154 -0.60 5.80 15.63
C SER A 154 -1.28 4.56 15.01
N TYR A 155 -2.61 4.54 15.03
CA TYR A 155 -3.42 3.42 14.55
C TYR A 155 -3.31 3.25 13.03
N LEU A 156 -3.06 4.35 12.33
CA LEU A 156 -2.96 4.32 10.86
C LEU A 156 -1.53 4.34 10.34
N LYS A 157 -0.55 4.57 11.22
CA LYS A 157 0.86 4.58 10.83
C LYS A 157 1.20 3.25 10.19
N GLY A 158 1.77 3.30 9.00
CA GLY A 158 2.17 2.09 8.29
C GLY A 158 1.08 1.50 7.42
N SER A 159 -0.05 2.17 7.28
CA SER A 159 -1.12 1.69 6.42
C SER A 159 -1.12 2.33 5.03
N ALA A 160 -0.30 3.36 4.81
CA ALA A 160 -0.19 3.96 3.49
C ALA A 160 0.13 2.87 2.46
N GLY A 161 -0.55 2.96 1.31
CA GLY A 161 -0.47 1.97 0.27
C GLY A 161 -1.57 0.93 0.28
N GLY A 162 -2.34 0.88 1.38
CA GLY A 162 -3.45 -0.07 1.49
C GLY A 162 -4.70 0.44 0.82
N PRO A 163 -5.71 -0.42 0.67
CA PRO A 163 -6.87 -0.05 -0.12
C PRO A 163 -8.01 0.58 0.66
N LEU A 164 -8.74 1.46 -0.02
CA LEU A 164 -10.14 1.76 0.32
C LEU A 164 -10.99 0.97 -0.66
N LEU A 165 -12.00 0.27 -0.12
CA LEU A 165 -12.85 -0.67 -0.88
C LEU A 165 -14.33 -0.21 -0.88
N CYS A 166 -15.08 -0.51 -1.95
CA CYS A 166 -16.55 -0.30 -1.99
C CYS A 166 -17.22 -1.51 -1.34
N PRO A 167 -18.55 -1.45 -1.10
CA PRO A 167 -19.24 -2.60 -0.50
C PRO A 167 -19.08 -3.90 -1.30
N ALA A 168 -18.93 -3.79 -2.62
CA ALA A 168 -18.77 -4.96 -3.48
C ALA A 168 -17.32 -5.43 -3.53
N GLY A 169 -16.42 -4.75 -2.81
CA GLY A 169 -15.03 -5.17 -2.69
C GLY A 169 -14.15 -4.73 -3.84
N HIS A 170 -14.60 -3.77 -4.64
CA HIS A 170 -13.77 -3.17 -5.69
C HIS A 170 -12.84 -2.16 -5.03
N ALA A 171 -11.73 -1.88 -5.69
CA ALA A 171 -10.79 -0.85 -5.23
C ALA A 171 -11.28 0.54 -5.60
N VAL A 172 -11.48 1.38 -4.58
CA VAL A 172 -11.87 2.77 -4.78
C VAL A 172 -10.65 3.69 -4.70
N GLY A 173 -9.61 3.26 -3.99
CA GLY A 173 -8.44 4.10 -3.80
C GLY A 173 -7.33 3.45 -2.99
N ILE A 174 -6.22 4.18 -2.92
CA ILE A 174 -5.04 3.77 -2.14
C ILE A 174 -4.84 4.81 -1.02
N PHE A 175 -4.83 4.35 0.23
CA PHE A 175 -4.64 5.25 1.37
C PHE A 175 -3.26 5.94 1.32
N ARG A 176 -3.23 7.25 1.53
CA ARG A 176 -2.01 8.07 1.40
C ARG A 176 -1.56 8.64 2.75
N ALA A 177 -2.49 9.28 3.45
CA ALA A 177 -2.15 9.99 4.67
C ALA A 177 -3.37 10.25 5.54
N ALA A 178 -3.13 10.25 6.85
CA ALA A 178 -4.15 10.61 7.82
C ALA A 178 -4.31 12.12 7.84
N VAL A 179 -5.50 12.55 8.18
CA VAL A 179 -5.77 13.95 8.44
C VAL A 179 -5.98 14.01 9.93
N SER A 180 -5.14 14.74 10.65
CA SER A 180 -5.15 14.65 12.10
C SER A 180 -5.16 16.00 12.78
N THR A 181 -5.73 16.03 13.98
CA THR A 181 -5.71 17.20 14.84
C THR A 181 -5.37 16.76 16.25
N ARG A 182 -4.32 17.33 16.83
CA ARG A 182 -3.83 16.95 18.15
C ARG A 182 -3.73 15.43 18.28
N GLY A 183 -3.14 14.80 17.27
CA GLY A 183 -2.88 13.36 17.29
C GLY A 183 -4.03 12.44 16.94
N VAL A 184 -5.22 12.99 16.67
CA VAL A 184 -6.39 12.16 16.38
C VAL A 184 -6.80 12.26 14.91
N ALA A 185 -6.88 11.11 14.24
CA ALA A 185 -7.32 11.05 12.83
C ALA A 185 -8.84 11.01 12.74
N LYS A 186 -9.42 11.99 12.07
CA LYS A 186 -10.87 11.93 11.79
C LYS A 186 -11.14 11.76 10.32
N ALA A 187 -10.10 11.89 9.50
CA ALA A 187 -10.22 11.73 8.06
C ALA A 187 -8.96 11.16 7.44
N VAL A 188 -9.11 10.74 6.20
CA VAL A 188 -8.05 10.10 5.45
C VAL A 188 -8.00 10.67 4.04
N ASP A 189 -6.78 10.90 3.56
CA ASP A 189 -6.50 11.26 2.19
C ASP A 189 -6.08 10.00 1.46
N PHE A 190 -6.60 9.84 0.25
CA PHE A 190 -6.31 8.67 -0.55
C PHE A 190 -6.15 9.06 -2.01
N ILE A 191 -5.52 8.16 -2.77
CA ILE A 191 -5.33 8.30 -4.20
C ILE A 191 -6.48 7.56 -4.86
N PRO A 192 -7.39 8.28 -5.53
CA PRO A 192 -8.54 7.59 -6.12
C PRO A 192 -8.16 6.64 -7.25
N VAL A 193 -8.90 5.55 -7.38
CA VAL A 193 -8.57 4.54 -8.40
C VAL A 193 -8.62 5.12 -9.81
N GLU A 194 -9.42 6.15 -10.02
CA GLU A 194 -9.49 6.77 -11.37
C GLU A 194 -8.17 7.42 -11.74
N SER A 195 -7.45 7.89 -10.72
CA SER A 195 -6.14 8.48 -10.92
C SER A 195 -5.14 7.39 -11.30
N LEU A 196 -5.26 6.23 -10.69
CA LEU A 196 -4.46 5.07 -11.09
C LEU A 196 -4.82 4.64 -12.51
N GLU A 197 -6.10 4.65 -12.83
CA GLU A 197 -6.56 4.24 -14.16
C GLU A 197 -6.04 5.18 -15.23
N THR A 198 -5.99 6.48 -14.95
CA THR A 198 -5.40 7.44 -15.88
C THR A 198 -3.91 7.12 -16.06
N THR A 199 -3.20 6.97 -14.95
CA THR A 199 -1.79 6.56 -14.96
C THR A 199 -1.57 5.31 -15.84
N MET A 200 -2.47 4.33 -15.76
CA MET A 200 -2.37 3.07 -16.51
C MET A 200 -2.68 3.15 -17.99
N ARG A 201 -3.45 4.15 -18.38
CA ARG A 201 -3.98 4.18 -19.74
C ARG A 201 -3.54 5.44 -20.46
N PRO B 8 -5.75 22.47 10.85
CA PRO B 8 -4.69 21.48 10.59
C PRO B 8 -5.03 20.12 11.23
N SER B 9 -4.37 19.02 10.83
CA SER B 9 -3.25 19.00 9.88
C SER B 9 -3.14 17.61 9.20
N SER B 10 -2.00 17.36 8.55
CA SER B 10 -1.83 16.16 7.71
C SER B 10 -0.55 15.40 8.04
N THR B 11 -0.55 14.08 7.80
CA THR B 11 0.62 13.23 8.09
C THR B 11 0.72 11.98 7.21
N PRO B 12 1.67 11.96 6.25
CA PRO B 12 1.88 10.76 5.43
C PRO B 12 2.00 9.51 6.31
N CYS B 13 1.29 8.44 5.95
CA CYS B 13 1.21 7.26 6.83
C CYS B 13 2.15 6.12 6.41
S SO4 C . 12.68 11.01 -2.23
O1 SO4 C . 14.02 11.30 -1.70
O2 SO4 C . 11.70 11.71 -1.42
O3 SO4 C . 12.60 11.50 -3.61
O4 SO4 C . 12.50 9.55 -2.19
ZN ZN D . -17.71 -0.74 -6.66
#